data_3IL6
#
_entry.id   3IL6
#
_cell.length_a   119.263
_cell.length_b   119.263
_cell.length_c   68.921
_cell.angle_alpha   90.00
_cell.angle_beta   90.00
_cell.angle_gamma   120.00
#
_symmetry.space_group_name_H-M   'P 32 2 1'
#
loop_
_entity.id
_entity.type
_entity.pdbx_description
1 polymer '3-oxoacyl-[acyl-carrier-protein] synthase 3'
2 non-polymer '2-[({4-[(3R,5S)-3,5-dimethylpiperidin-1-yl]-3-phenoxyphenyl}carbonyl)amino]benzoic acid'
3 non-polymer 'SULFATE ION'
4 water water
#
_entity_poly.entity_id   1
_entity_poly.type   'polypeptide(L)'
_entity_poly.pdbx_seq_one_letter_code
;MKNYARISCTSRYVPENCVTNHQLSEMMDTSAAWIHSRTGISERRIVTQENTSDLCHQVAKQLLEKSGKQASEIDFILVA
TVTPDFNMPSVACQVQGAIGATEAFAFDISAA(SCY)SGFVYALSMAEKLVLSGRYQTGLVIGGETFSKMLDWTDRSTAV
LFGDGAAGVLIEAAETPHFLNEKLQADGQRWTALTSGYTINESPFYQGHKQASKTLQMEGRSIFDFAIKDVSQNILSLVT
DETVDYLLLHQANVRIIDKIARKTKISREKFLTNMDKYGNTSAASIPILLDEAVENGTLILGSQQRVVLTGFGGGLTWGS
LLLTL
;
_entity_poly.pdbx_strand_id   A
#
# COMPACT_ATOMS: atom_id res chain seq x y z
N LYS A 2 19.17 21.53 0.97
CA LYS A 2 17.86 20.82 0.86
C LYS A 2 18.03 19.38 0.47
N ASN A 3 18.06 18.51 1.48
CA ASN A 3 18.23 17.08 1.24
C ASN A 3 17.27 16.28 2.11
N TYR A 4 16.23 16.95 2.61
CA TYR A 4 15.24 16.30 3.45
C TYR A 4 13.98 15.97 2.68
N ALA A 5 13.70 14.67 2.54
CA ALA A 5 12.53 14.23 1.82
C ALA A 5 11.28 14.81 2.49
N ARG A 6 10.26 15.10 1.68
CA ARG A 6 9.02 15.66 2.18
C ARG A 6 7.84 15.32 1.29
N ILE A 7 6.72 14.93 1.90
CA ILE A 7 5.51 14.62 1.16
C ILE A 7 4.79 15.96 0.93
N SER A 8 4.81 16.44 -0.31
CA SER A 8 4.18 17.71 -0.66
C SER A 8 2.74 17.57 -1.12
N CYS A 9 2.47 16.54 -1.92
CA CYS A 9 1.14 16.25 -2.45
C CYS A 9 0.78 14.79 -2.27
N THR A 10 -0.51 14.54 -2.22
CA THR A 10 -1.04 13.17 -2.11
C THR A 10 -2.08 13.07 -3.21
N SER A 11 -2.43 11.86 -3.60
CA SER A 11 -3.43 11.66 -4.63
C SER A 11 -3.75 10.18 -4.69
N ARG A 12 -4.98 9.84 -5.05
CA ARG A 12 -5.39 8.46 -5.15
C ARG A 12 -6.24 8.24 -6.39
N TYR A 13 -6.33 6.99 -6.82
CA TYR A 13 -7.14 6.64 -7.98
C TYR A 13 -7.59 5.18 -7.92
N VAL A 14 -8.91 4.97 -7.96
CA VAL A 14 -9.49 3.63 -7.92
C VAL A 14 -10.36 3.44 -9.16
N PRO A 15 -10.55 2.17 -9.60
CA PRO A 15 -11.37 1.89 -10.79
C PRO A 15 -12.77 2.43 -10.57
N GLU A 16 -13.44 2.86 -11.63
CA GLU A 16 -14.79 3.38 -11.49
C GLU A 16 -15.79 2.28 -11.13
N ASN A 17 -15.55 1.05 -11.60
CA ASN A 17 -16.43 -0.07 -11.32
C ASN A 17 -16.50 -0.38 -9.81
N CYS A 18 -17.69 -0.16 -9.24
CA CYS A 18 -17.92 -0.37 -7.81
C CYS A 18 -18.66 -1.68 -7.58
N VAL A 19 -18.06 -2.58 -6.80
CA VAL A 19 -18.68 -3.87 -6.52
C VAL A 19 -19.13 -3.98 -5.06
N THR A 20 -20.46 -3.95 -4.86
CA THR A 20 -21.06 -4.02 -3.53
C THR A 20 -21.16 -5.46 -3.00
N ASN A 21 -21.38 -5.61 -1.69
CA ASN A 21 -21.49 -6.95 -1.12
C ASN A 21 -22.71 -7.66 -1.69
N HIS A 22 -23.71 -6.89 -2.11
CA HIS A 22 -24.91 -7.47 -2.66
C HIS A 22 -24.63 -8.23 -3.97
N GLN A 23 -23.75 -7.68 -4.79
CA GLN A 23 -23.40 -8.31 -6.06
C GLN A 23 -22.54 -9.55 -5.81
N LEU A 24 -21.70 -9.49 -4.78
CA LEU A 24 -20.83 -10.59 -4.44
C LEU A 24 -21.60 -11.74 -3.79
N SER A 25 -22.71 -11.42 -3.11
CA SER A 25 -23.51 -12.45 -2.46
C SER A 25 -24.24 -13.27 -3.52
N GLU A 26 -24.54 -12.64 -4.65
CA GLU A 26 -25.21 -13.31 -5.76
C GLU A 26 -24.17 -14.16 -6.49
N MET A 27 -23.06 -13.53 -6.87
CA MET A 27 -21.96 -14.22 -7.54
C MET A 27 -21.63 -15.50 -6.79
N MET A 28 -21.39 -15.36 -5.50
CA MET A 28 -21.08 -16.49 -4.64
C MET A 28 -22.42 -16.87 -4.01
N ASP A 29 -22.41 -17.74 -3.01
CA ASP A 29 -23.69 -18.10 -2.43
C ASP A 29 -23.66 -17.76 -0.96
N THR A 30 -23.32 -16.51 -0.66
CA THR A 30 -23.23 -16.04 0.72
C THR A 30 -24.15 -14.86 0.86
N SER A 31 -24.30 -14.39 2.10
CA SER A 31 -25.14 -13.23 2.36
C SER A 31 -24.26 -12.00 2.41
N ALA A 32 -24.79 -10.90 1.89
CA ALA A 32 -24.08 -9.64 1.90
C ALA A 32 -23.81 -9.28 3.37
N ALA A 33 -24.82 -9.50 4.21
CA ALA A 33 -24.71 -9.19 5.64
C ALA A 33 -23.49 -9.87 6.26
N TRP A 34 -23.29 -11.15 5.95
CA TRP A 34 -22.16 -11.91 6.49
C TRP A 34 -20.83 -11.47 5.87
N ILE A 35 -20.85 -11.07 4.60
CA ILE A 35 -19.63 -10.59 3.96
C ILE A 35 -19.21 -9.31 4.66
N HIS A 36 -20.20 -8.49 5.01
CA HIS A 36 -19.97 -7.23 5.68
C HIS A 36 -19.38 -7.38 7.08
N SER A 37 -19.96 -8.27 7.88
CA SER A 37 -19.47 -8.43 9.24
C SER A 37 -18.13 -9.13 9.35
N ARG A 38 -17.79 -9.95 8.36
CA ARG A 38 -16.52 -10.66 8.37
C ARG A 38 -15.38 -9.80 7.87
N THR A 39 -15.70 -8.89 6.95
CA THR A 39 -14.67 -8.05 6.34
C THR A 39 -14.60 -6.61 6.80
N GLY A 40 -15.73 -6.04 7.20
CA GLY A 40 -15.73 -4.66 7.61
C GLY A 40 -15.78 -3.80 6.35
N ILE A 41 -16.10 -4.45 5.23
CA ILE A 41 -16.20 -3.80 3.93
C ILE A 41 -17.64 -3.81 3.45
N SER A 42 -18.08 -2.70 2.83
CA SER A 42 -19.44 -2.58 2.29
C SER A 42 -19.40 -2.69 0.77
N GLU A 43 -18.34 -2.15 0.17
CA GLU A 43 -18.16 -2.18 -1.27
C GLU A 43 -16.67 -1.98 -1.59
N ARG A 44 -16.27 -2.30 -2.82
CA ARG A 44 -14.87 -2.14 -3.24
C ARG A 44 -14.82 -1.92 -4.76
N ARG A 45 -13.72 -1.35 -5.25
CA ARG A 45 -13.56 -1.10 -6.68
C ARG A 45 -12.78 -2.23 -7.31
N ILE A 46 -13.22 -2.67 -8.48
CA ILE A 46 -12.53 -3.75 -9.19
C ILE A 46 -12.33 -3.32 -10.64
N VAL A 47 -11.10 -3.46 -11.14
CA VAL A 47 -10.81 -3.08 -12.53
C VAL A 47 -11.57 -3.91 -13.54
N THR A 48 -12.01 -3.26 -14.61
CA THR A 48 -12.74 -3.93 -15.68
C THR A 48 -11.96 -3.84 -16.97
N GLN A 49 -11.04 -2.89 -17.06
CA GLN A 49 -10.23 -2.70 -18.25
C GLN A 49 -8.84 -2.17 -17.96
N GLU A 50 -8.63 -1.72 -16.73
CA GLU A 50 -7.34 -1.19 -16.34
C GLU A 50 -6.46 -2.22 -15.66
N ASN A 51 -5.15 -2.01 -15.78
CA ASN A 51 -4.17 -2.90 -15.16
C ASN A 51 -3.43 -2.00 -14.17
N THR A 52 -2.60 -2.59 -13.33
CA THR A 52 -1.86 -1.82 -12.34
C THR A 52 -1.23 -0.54 -12.87
N SER A 53 -0.58 -0.61 -14.04
CA SER A 53 0.08 0.58 -14.60
C SER A 53 -0.89 1.72 -14.90
N ASP A 54 -2.10 1.37 -15.33
CA ASP A 54 -3.10 2.38 -15.65
C ASP A 54 -3.53 3.13 -14.40
N LEU A 55 -3.73 2.40 -13.31
CA LEU A 55 -4.13 3.02 -12.05
C LEU A 55 -2.99 3.92 -11.58
N CYS A 56 -1.77 3.39 -11.58
CA CYS A 56 -0.61 4.16 -11.17
C CYS A 56 -0.39 5.36 -12.09
N HIS A 57 -0.74 5.20 -13.37
CA HIS A 57 -0.60 6.27 -14.36
C HIS A 57 -1.48 7.45 -13.97
N GLN A 58 -2.74 7.19 -13.63
CA GLN A 58 -3.63 8.28 -13.25
C GLN A 58 -3.15 8.98 -11.98
N VAL A 59 -2.65 8.20 -11.02
CA VAL A 59 -2.15 8.80 -9.78
C VAL A 59 -1.03 9.77 -10.10
N ALA A 60 -0.07 9.34 -10.92
CA ALA A 60 1.07 10.17 -11.30
C ALA A 60 0.59 11.41 -12.04
N LYS A 61 -0.33 11.19 -12.98
CA LYS A 61 -0.90 12.26 -13.78
C LYS A 61 -1.62 13.30 -12.91
N GLN A 62 -2.30 12.83 -11.86
CA GLN A 62 -3.02 13.70 -10.97
C GLN A 62 -2.06 14.44 -10.05
N LEU A 63 -0.99 13.77 -9.65
CA LEU A 63 0.01 14.40 -8.77
C LEU A 63 0.71 15.52 -9.51
N LEU A 64 0.96 15.31 -10.80
CA LEU A 64 1.63 16.29 -11.63
C LEU A 64 0.75 17.51 -11.83
N GLU A 65 -0.54 17.30 -12.06
CA GLU A 65 -1.45 18.42 -12.27
C GLU A 65 -1.69 19.21 -10.98
N LYS A 66 -1.86 18.50 -9.87
CA LYS A 66 -2.08 19.15 -8.57
C LYS A 66 -0.94 20.08 -8.18
N SER A 67 0.28 19.56 -8.24
CA SER A 67 1.47 20.31 -7.86
C SER A 67 1.91 21.34 -8.89
N GLY A 68 1.50 21.14 -10.14
CA GLY A 68 1.89 22.06 -11.20
C GLY A 68 3.27 21.74 -11.71
N LYS A 69 3.77 20.58 -11.31
CA LYS A 69 5.10 20.12 -11.72
C LYS A 69 5.07 19.63 -13.16
N GLN A 70 6.25 19.66 -13.79
CA GLN A 70 6.43 19.19 -15.16
C GLN A 70 6.93 17.76 -15.03
N ALA A 71 6.51 16.88 -15.95
CA ALA A 71 6.99 15.51 -15.89
C ALA A 71 8.52 15.49 -15.97
N SER A 72 9.09 16.50 -16.64
CA SER A 72 10.53 16.61 -16.80
C SER A 72 11.30 16.94 -15.52
N GLU A 73 10.57 17.37 -14.49
CA GLU A 73 11.21 17.71 -13.21
C GLU A 73 11.29 16.52 -12.26
N ILE A 74 10.70 15.39 -12.65
CA ILE A 74 10.75 14.19 -11.83
C ILE A 74 12.10 13.52 -12.00
N ASP A 75 12.78 13.27 -10.89
CA ASP A 75 14.09 12.63 -10.88
C ASP A 75 13.99 11.12 -10.77
N PHE A 76 12.95 10.65 -10.07
CA PHE A 76 12.75 9.21 -9.90
C PHE A 76 11.29 8.84 -9.63
N ILE A 77 10.92 7.66 -10.08
CA ILE A 77 9.56 7.13 -9.90
C ILE A 77 9.66 5.73 -9.27
N LEU A 78 9.10 5.58 -8.07
CA LEU A 78 9.10 4.30 -7.36
C LEU A 78 7.68 3.79 -7.21
N VAL A 79 7.45 2.53 -7.58
CA VAL A 79 6.12 1.95 -7.46
C VAL A 79 6.18 0.68 -6.61
N ALA A 80 5.33 0.62 -5.60
CA ALA A 80 5.24 -0.56 -4.73
C ALA A 80 4.08 -1.39 -5.28
N THR A 81 4.35 -2.61 -5.71
CA THR A 81 3.32 -3.48 -6.27
C THR A 81 3.77 -4.93 -6.27
N VAL A 82 2.81 -5.86 -6.25
CA VAL A 82 3.11 -7.28 -6.33
C VAL A 82 2.16 -7.87 -7.38
N THR A 83 1.56 -6.98 -8.17
CA THR A 83 0.65 -7.35 -9.26
C THR A 83 0.95 -6.46 -10.47
N PRO A 84 2.21 -6.45 -10.93
CA PRO A 84 2.61 -5.63 -12.08
C PRO A 84 2.14 -6.23 -13.40
N ASP A 85 1.89 -5.39 -14.40
CA ASP A 85 1.44 -5.87 -15.70
C ASP A 85 2.36 -6.99 -16.18
N PHE A 86 3.67 -6.71 -16.22
CA PHE A 86 4.69 -7.68 -16.63
C PHE A 86 5.77 -7.70 -15.55
N ASN A 87 6.68 -8.67 -15.62
CA ASN A 87 7.80 -8.70 -14.67
C ASN A 87 8.74 -7.65 -15.25
N MET A 88 8.68 -7.54 -16.57
CA MET A 88 9.48 -6.61 -17.35
C MET A 88 8.61 -6.21 -18.55
N PRO A 89 8.41 -4.90 -18.76
CA PRO A 89 8.95 -3.79 -17.97
C PRO A 89 8.31 -3.69 -16.58
N SER A 90 8.82 -2.77 -15.75
CA SER A 90 8.28 -2.56 -14.41
C SER A 90 7.09 -1.62 -14.56
N VAL A 91 6.22 -1.56 -13.56
CA VAL A 91 5.09 -0.63 -13.65
C VAL A 91 5.62 0.79 -13.59
N ALA A 92 6.68 0.99 -12.80
CA ALA A 92 7.29 2.31 -12.66
C ALA A 92 7.77 2.81 -14.02
N CYS A 93 8.29 1.92 -14.85
CA CYS A 93 8.75 2.30 -16.19
C CYS A 93 7.59 2.64 -17.12
N GLN A 94 6.48 1.92 -16.99
CA GLN A 94 5.32 2.18 -17.84
C GLN A 94 4.73 3.55 -17.52
N VAL A 95 4.78 3.91 -16.24
CA VAL A 95 4.27 5.20 -15.78
C VAL A 95 5.20 6.32 -16.25
N GLN A 96 6.50 6.06 -16.12
CA GLN A 96 7.53 7.01 -16.51
C GLN A 96 7.31 7.39 -17.98
N GLY A 97 6.97 6.40 -18.79
CA GLY A 97 6.74 6.64 -20.21
C GLY A 97 5.39 7.28 -20.47
N ALA A 98 4.38 6.85 -19.72
CA ALA A 98 3.03 7.36 -19.89
C ALA A 98 2.94 8.86 -19.63
N ILE A 99 3.57 9.34 -18.56
CA ILE A 99 3.51 10.76 -18.23
C ILE A 99 4.66 11.57 -18.85
N GLY A 100 5.58 10.88 -19.52
CA GLY A 100 6.69 11.57 -20.16
C GLY A 100 7.77 12.11 -19.21
N ALA A 101 8.02 11.41 -18.11
CA ALA A 101 9.04 11.82 -17.15
C ALA A 101 10.40 11.36 -17.66
N THR A 102 10.80 11.88 -18.81
CA THR A 102 12.05 11.52 -19.46
C THR A 102 13.33 11.64 -18.64
N GLU A 103 13.32 12.49 -17.62
CA GLU A 103 14.51 12.69 -16.79
C GLU A 103 14.51 11.86 -15.51
N ALA A 104 13.54 10.97 -15.37
CA ALA A 104 13.46 10.14 -14.18
C ALA A 104 13.80 8.69 -14.45
N PHE A 105 14.49 8.06 -13.50
CA PHE A 105 14.80 6.64 -13.61
C PHE A 105 13.69 6.02 -12.77
N ALA A 106 13.36 4.76 -13.00
CA ALA A 106 12.26 4.17 -12.26
C ALA A 106 12.32 2.68 -12.09
N PHE A 107 11.72 2.20 -11.01
CA PHE A 107 11.68 0.77 -10.73
C PHE A 107 10.59 0.43 -9.71
N ASP A 108 10.20 -0.83 -9.66
CA ASP A 108 9.19 -1.27 -8.71
C ASP A 108 9.88 -1.93 -7.52
N ILE A 109 9.19 -1.93 -6.38
CA ILE A 109 9.70 -2.54 -5.17
C ILE A 109 8.72 -3.60 -4.74
N SER A 110 9.23 -4.77 -4.39
CA SER A 110 8.38 -5.88 -3.97
C SER A 110 8.53 -6.15 -2.47
N ALA A 111 7.53 -5.72 -1.71
CA ALA A 111 7.51 -5.93 -0.27
C ALA A 111 6.07 -6.07 0.18
N ALA A 112 5.26 -6.70 -0.68
CA ALA A 112 3.84 -6.93 -0.39
C ALA A 112 3.12 -5.67 0.11
N SER A 114 3.76 -3.95 2.60
CA SER A 114 4.69 -3.07 3.33
C SER A 114 5.35 -2.19 2.28
N GLY A 115 5.10 -2.56 1.01
CA GLY A 115 5.68 -1.86 -0.12
C GLY A 115 5.70 -0.34 -0.12
N PHE A 116 4.59 0.30 0.23
CA PHE A 116 4.57 1.76 0.22
C PHE A 116 5.51 2.35 1.26
N VAL A 117 5.49 1.78 2.45
CA VAL A 117 6.35 2.25 3.53
C VAL A 117 7.81 2.03 3.14
N TYR A 118 8.10 0.85 2.61
CA TYR A 118 9.44 0.52 2.16
C TYR A 118 9.89 1.51 1.07
N ALA A 119 9.02 1.75 0.09
CA ALA A 119 9.32 2.67 -1.01
C ALA A 119 9.56 4.07 -0.51
N LEU A 120 8.77 4.47 0.48
CA LEU A 120 8.89 5.80 1.07
C LEU A 120 10.26 5.95 1.74
N SER A 121 10.68 4.89 2.43
CA SER A 121 11.98 4.85 3.10
C SER A 121 13.07 5.03 2.04
N MET A 122 12.88 4.38 0.90
CA MET A 122 13.81 4.48 -0.22
C MET A 122 13.96 5.90 -0.73
N ALA A 123 12.83 6.53 -1.01
CA ALA A 123 12.85 7.89 -1.52
C ALA A 123 13.56 8.83 -0.55
N GLU A 124 13.40 8.59 0.75
CA GLU A 124 14.05 9.41 1.78
C GLU A 124 15.57 9.25 1.63
N LYS A 125 16.03 8.02 1.42
CA LYS A 125 17.45 7.75 1.26
C LYS A 125 17.99 8.39 -0.02
N LEU A 126 17.20 8.31 -1.09
CA LEU A 126 17.57 8.89 -2.38
C LEU A 126 17.72 10.40 -2.30
N VAL A 127 16.81 11.04 -1.58
CA VAL A 127 16.85 12.49 -1.44
C VAL A 127 17.95 12.89 -0.46
N LEU A 128 18.19 12.06 0.54
CA LEU A 128 19.24 12.37 1.51
C LEU A 128 20.57 12.50 0.80
N SER A 129 20.85 11.56 -0.11
CA SER A 129 22.10 11.54 -0.87
C SER A 129 22.44 12.86 -1.53
N GLY A 130 21.41 13.65 -1.83
CA GLY A 130 21.63 14.93 -2.46
C GLY A 130 21.63 14.82 -3.98
N ARG A 131 21.61 13.60 -4.50
CA ARG A 131 21.61 13.42 -5.95
C ARG A 131 20.23 13.64 -6.55
N TYR A 132 19.18 13.32 -5.80
CA TYR A 132 17.82 13.46 -6.32
C TYR A 132 16.94 14.30 -5.38
N GLN A 133 16.05 15.11 -5.96
CA GLN A 133 15.18 15.98 -5.18
C GLN A 133 13.70 15.76 -5.38
N THR A 134 13.29 15.43 -6.59
CA THR A 134 11.88 15.26 -6.85
C THR A 134 11.50 13.89 -7.35
N GLY A 135 10.58 13.26 -6.64
CA GLY A 135 10.13 11.94 -7.05
C GLY A 135 8.66 11.68 -6.82
N LEU A 136 8.18 10.58 -7.38
CA LEU A 136 6.79 10.15 -7.22
C LEU A 136 6.87 8.75 -6.61
N VAL A 137 6.19 8.53 -5.48
CA VAL A 137 6.18 7.22 -4.86
C VAL A 137 4.73 6.78 -4.85
N ILE A 138 4.43 5.75 -5.64
CA ILE A 138 3.08 5.23 -5.79
C ILE A 138 2.94 3.77 -5.43
N GLY A 139 1.87 3.46 -4.69
CA GLY A 139 1.57 2.09 -4.31
C GLY A 139 0.32 1.69 -5.09
N GLY A 140 0.39 0.62 -5.88
CA GLY A 140 -0.76 0.22 -6.65
C GLY A 140 -0.87 -1.27 -6.92
N GLU A 141 -2.10 -1.77 -6.94
CA GLU A 141 -2.35 -3.20 -7.15
C GLU A 141 -3.67 -3.49 -7.86
N THR A 142 -3.72 -4.63 -8.53
CA THR A 142 -4.93 -5.12 -9.18
C THR A 142 -4.97 -6.58 -8.77
N PHE A 143 -5.13 -6.80 -7.47
CA PHE A 143 -5.18 -8.15 -6.91
C PHE A 143 -6.39 -8.93 -7.41
N SER A 144 -7.39 -8.23 -7.95
CA SER A 144 -8.58 -8.90 -8.43
C SER A 144 -8.25 -9.95 -9.50
N LYS A 145 -7.08 -9.86 -10.12
CA LYS A 145 -6.71 -10.84 -11.13
C LYS A 145 -5.96 -12.02 -10.51
N MET A 146 -5.68 -11.93 -9.22
CA MET A 146 -4.95 -12.96 -8.47
C MET A 146 -5.83 -13.72 -7.50
N LEU A 147 -7.14 -13.59 -7.65
CA LEU A 147 -8.06 -14.24 -6.73
C LEU A 147 -8.99 -15.27 -7.34
N ASP A 148 -9.36 -16.22 -6.51
CA ASP A 148 -10.28 -17.29 -6.86
C ASP A 148 -11.63 -16.72 -6.41
N TRP A 149 -12.41 -16.20 -7.34
CA TRP A 149 -13.69 -15.58 -7.02
C TRP A 149 -14.83 -16.51 -6.65
N THR A 150 -14.48 -17.70 -6.16
CA THR A 150 -15.48 -18.66 -5.72
C THR A 150 -15.25 -18.88 -4.23
N ASP A 151 -13.99 -18.75 -3.82
CA ASP A 151 -13.61 -18.89 -2.42
C ASP A 151 -13.96 -17.60 -1.70
N ARG A 152 -15.05 -17.64 -0.94
CA ARG A 152 -15.53 -16.47 -0.21
C ARG A 152 -14.80 -16.16 1.08
N SER A 153 -13.62 -16.75 1.26
CA SER A 153 -12.86 -16.50 2.47
C SER A 153 -11.67 -15.58 2.19
N THR A 154 -11.59 -15.10 0.96
CA THR A 154 -10.49 -14.21 0.55
C THR A 154 -10.92 -13.20 -0.51
N ALA A 155 -11.59 -13.68 -1.54
CA ALA A 155 -12.03 -12.80 -2.63
C ALA A 155 -12.77 -11.57 -2.14
N VAL A 156 -13.69 -11.76 -1.21
CA VAL A 156 -14.49 -10.66 -0.67
C VAL A 156 -13.66 -9.61 0.07
N LEU A 157 -12.41 -9.94 0.35
CA LEU A 157 -11.49 -9.08 1.09
C LEU A 157 -10.74 -7.98 0.32
N PHE A 158 -10.44 -8.21 -0.96
CA PHE A 158 -9.65 -7.25 -1.72
C PHE A 158 -10.30 -6.31 -2.73
N GLY A 159 -9.75 -5.09 -2.77
CA GLY A 159 -10.21 -4.07 -3.70
C GLY A 159 -9.04 -3.63 -4.55
N ASP A 160 -9.32 -2.99 -5.70
CA ASP A 160 -8.25 -2.51 -6.57
C ASP A 160 -8.08 -1.01 -6.39
N GLY A 161 -6.91 -0.50 -6.76
CA GLY A 161 -6.67 0.93 -6.63
C GLY A 161 -5.21 1.32 -6.52
N ALA A 162 -4.95 2.62 -6.55
CA ALA A 162 -3.59 3.13 -6.45
C ALA A 162 -3.62 4.52 -5.83
N ALA A 163 -2.52 4.88 -5.16
CA ALA A 163 -2.40 6.19 -4.53
C ALA A 163 -0.91 6.45 -4.36
N GLY A 164 -0.53 7.71 -4.23
CA GLY A 164 0.88 8.01 -4.07
C GLY A 164 1.08 9.42 -3.60
N VAL A 165 2.33 9.88 -3.64
CA VAL A 165 2.67 11.21 -3.18
C VAL A 165 3.77 11.82 -4.03
N LEU A 166 3.86 13.15 -3.94
CA LEU A 166 4.91 13.88 -4.63
C LEU A 166 5.93 14.14 -3.53
N ILE A 167 7.16 13.74 -3.77
CA ILE A 167 8.21 13.96 -2.80
C ILE A 167 9.19 14.97 -3.34
N GLU A 168 9.58 15.91 -2.49
CA GLU A 168 10.56 16.90 -2.90
C GLU A 168 11.48 17.26 -1.74
N ALA A 169 12.64 17.82 -2.07
CA ALA A 169 13.65 18.18 -1.08
C ALA A 169 13.26 19.38 -0.22
N ALA A 170 13.15 19.14 1.09
CA ALA A 170 12.78 20.16 2.04
C ALA A 170 14.02 20.70 2.75
N GLU A 171 13.85 21.83 3.42
CA GLU A 171 14.95 22.47 4.13
C GLU A 171 15.06 21.89 5.54
N THR A 172 13.93 21.46 6.08
CA THR A 172 13.90 20.87 7.41
C THR A 172 13.36 19.43 7.34
N PRO A 173 13.84 18.55 8.25
CA PRO A 173 13.41 17.15 8.26
C PRO A 173 11.93 16.90 8.50
N HIS A 174 11.41 15.86 7.86
CA HIS A 174 10.02 15.45 8.00
C HIS A 174 10.01 13.98 8.39
N PHE A 175 10.91 13.21 7.80
CA PHE A 175 11.05 11.78 8.08
C PHE A 175 11.97 11.67 9.29
N LEU A 176 11.35 11.58 10.47
CA LEU A 176 12.06 11.54 11.74
C LEU A 176 12.73 10.24 12.13
N ASN A 177 12.04 9.11 11.95
CA ASN A 177 12.62 7.82 12.30
C ASN A 177 11.94 6.72 11.50
N GLU A 178 12.47 5.51 11.59
CA GLU A 178 11.90 4.39 10.87
C GLU A 178 12.42 3.08 11.40
N LYS A 179 11.67 2.01 11.15
CA LYS A 179 12.08 0.69 11.57
C LYS A 179 11.45 -0.31 10.61
N LEU A 180 12.25 -0.78 9.65
CA LEU A 180 11.80 -1.74 8.65
C LEU A 180 12.24 -3.13 9.10
N GLN A 181 11.35 -4.11 8.96
CA GLN A 181 11.64 -5.48 9.38
C GLN A 181 11.05 -6.53 8.44
N ALA A 182 11.48 -7.77 8.63
CA ALA A 182 11.02 -8.88 7.83
C ALA A 182 11.29 -10.20 8.55
N ASP A 183 10.58 -11.24 8.14
CA ASP A 183 10.74 -12.58 8.70
C ASP A 183 10.37 -13.57 7.60
N GLY A 184 11.37 -14.00 6.84
CA GLY A 184 11.13 -14.92 5.75
C GLY A 184 10.95 -16.33 6.23
N GLN A 185 11.06 -16.55 7.54
CA GLN A 185 10.88 -17.89 8.07
C GLN A 185 9.40 -18.24 8.12
N ARG A 186 8.56 -17.25 7.82
CA ARG A 186 7.12 -17.48 7.80
C ARG A 186 6.55 -17.04 6.46
N TRP A 187 7.35 -17.11 5.40
CA TRP A 187 6.85 -16.65 4.11
C TRP A 187 5.68 -17.43 3.53
N THR A 188 5.49 -18.66 3.98
CA THR A 188 4.39 -19.49 3.47
C THR A 188 3.01 -19.03 3.96
N ALA A 189 2.99 -18.17 4.98
CA ALA A 189 1.74 -17.68 5.54
C ALA A 189 0.89 -16.82 4.59
N LEU A 190 1.53 -16.21 3.60
CA LEU A 190 0.81 -15.33 2.68
C LEU A 190 1.56 -15.28 1.35
N THR A 191 1.01 -15.96 0.35
CA THR A 191 1.66 -16.02 -0.95
C THR A 191 0.73 -15.77 -2.15
N SER A 192 1.32 -15.38 -3.26
CA SER A 192 0.57 -15.15 -4.48
C SER A 192 1.51 -15.00 -5.66
N GLY A 193 1.00 -15.29 -6.85
CA GLY A 193 1.79 -15.14 -8.05
C GLY A 193 2.88 -16.14 -8.38
N TYR A 194 2.74 -17.39 -7.93
CA TYR A 194 3.77 -18.39 -8.25
C TYR A 194 3.80 -18.64 -9.75
N THR A 195 5.00 -18.86 -10.29
CA THR A 195 5.16 -19.12 -11.72
C THR A 195 5.78 -20.49 -11.89
N ILE A 196 5.04 -21.40 -12.52
CA ILE A 196 5.53 -22.76 -12.74
C ILE A 196 6.61 -22.79 -13.81
N ASN A 197 7.66 -23.54 -13.54
CA ASN A 197 8.75 -23.69 -14.48
C ASN A 197 8.41 -24.89 -15.34
N GLU A 198 8.20 -24.67 -16.64
CA GLU A 198 7.87 -25.77 -17.51
C GLU A 198 8.80 -25.84 -18.71
N SER A 199 10.08 -25.65 -18.47
CA SER A 199 11.07 -25.73 -19.54
C SER A 199 11.33 -27.22 -19.66
N PRO A 200 11.84 -27.65 -20.82
CA PRO A 200 12.12 -29.08 -21.02
C PRO A 200 13.19 -29.61 -20.07
N PHE A 201 13.74 -28.73 -19.24
CA PHE A 201 14.80 -29.08 -18.30
C PHE A 201 14.32 -29.24 -16.86
N TYR A 202 13.15 -28.70 -16.55
CA TYR A 202 12.65 -28.79 -15.18
C TYR A 202 12.23 -30.20 -14.78
N GLN A 203 12.70 -30.62 -13.61
CA GLN A 203 12.42 -31.95 -13.08
C GLN A 203 11.61 -31.94 -11.79
N GLY A 204 11.32 -30.75 -11.27
CA GLY A 204 10.53 -30.65 -10.06
C GLY A 204 9.06 -30.79 -10.39
N HIS A 205 8.23 -31.05 -9.38
CA HIS A 205 6.79 -31.19 -9.61
C HIS A 205 6.03 -30.10 -8.88
N LYS A 206 6.64 -28.93 -8.80
CA LYS A 206 6.06 -27.77 -8.13
C LYS A 206 4.86 -27.26 -8.92
N GLN A 207 3.74 -27.11 -8.22
CA GLN A 207 2.51 -26.61 -8.82
C GLN A 207 1.90 -25.64 -7.82
N ALA A 208 1.29 -24.57 -8.33
CA ALA A 208 0.66 -23.57 -7.47
C ALA A 208 -0.25 -22.70 -8.31
N SER A 209 -1.54 -22.78 -8.00
CA SER A 209 -2.58 -22.03 -8.71
C SER A 209 -2.20 -20.60 -9.06
N LYS A 210 -1.31 -20.00 -8.27
CA LYS A 210 -0.87 -18.62 -8.49
C LYS A 210 -1.82 -17.60 -7.84
N THR A 211 -2.98 -18.07 -7.39
CA THR A 211 -3.94 -17.18 -6.74
C THR A 211 -3.53 -17.04 -5.28
N LEU A 212 -3.89 -15.92 -4.69
CA LEU A 212 -3.56 -15.63 -3.31
C LEU A 212 -3.93 -16.72 -2.31
N GLN A 213 -3.03 -16.99 -1.38
CA GLN A 213 -3.22 -18.01 -0.32
C GLN A 213 -2.84 -17.35 1.00
N MET A 214 -3.71 -17.41 1.99
CA MET A 214 -3.39 -16.79 3.28
C MET A 214 -3.84 -17.58 4.50
N GLU A 215 -3.00 -17.58 5.53
CA GLU A 215 -3.32 -18.23 6.79
C GLU A 215 -3.77 -17.09 7.70
N GLY A 216 -5.05 -16.76 7.63
CA GLY A 216 -5.62 -15.67 8.40
C GLY A 216 -5.24 -15.52 9.85
N ARG A 217 -5.48 -16.56 10.64
CA ARG A 217 -5.16 -16.54 12.06
C ARG A 217 -3.68 -16.28 12.29
N SER A 218 -2.84 -16.94 11.50
CA SER A 218 -1.39 -16.80 11.61
C SER A 218 -0.90 -15.37 11.41
N ILE A 219 -1.31 -14.75 10.30
CA ILE A 219 -0.88 -13.39 10.00
C ILE A 219 -1.57 -12.38 10.90
N PHE A 220 -2.76 -12.72 11.38
CA PHE A 220 -3.49 -11.84 12.27
C PHE A 220 -2.71 -11.73 13.58
N ASP A 221 -2.27 -12.88 14.08
CA ASP A 221 -1.48 -12.95 15.32
C ASP A 221 -0.14 -12.25 15.15
N PHE A 222 0.46 -12.45 13.99
CA PHE A 222 1.74 -11.84 13.65
C PHE A 222 1.61 -10.31 13.74
N ALA A 223 0.59 -9.77 13.09
CA ALA A 223 0.38 -8.33 13.08
C ALA A 223 0.24 -7.78 14.50
N ILE A 224 -0.64 -8.40 15.29
CA ILE A 224 -0.86 -7.95 16.67
C ILE A 224 0.40 -7.95 17.53
N LYS A 225 1.21 -9.00 17.42
CA LYS A 225 2.43 -9.08 18.22
C LYS A 225 3.59 -8.25 17.69
N ASP A 226 3.99 -8.54 16.46
CA ASP A 226 5.12 -7.85 15.85
C ASP A 226 4.94 -6.41 15.40
N VAL A 227 3.77 -6.08 14.85
CA VAL A 227 3.57 -4.71 14.41
C VAL A 227 3.46 -3.81 15.63
N SER A 228 2.84 -4.30 16.71
CA SER A 228 2.71 -3.53 17.94
C SER A 228 4.09 -3.16 18.48
N GLN A 229 5.01 -4.13 18.50
CA GLN A 229 6.37 -3.91 18.98
C GLN A 229 7.11 -2.91 18.07
N ASN A 230 6.91 -3.05 16.77
CA ASN A 230 7.54 -2.17 15.78
C ASN A 230 7.08 -0.72 15.95
N ILE A 231 5.79 -0.54 16.21
CA ILE A 231 5.22 0.78 16.40
C ILE A 231 5.75 1.40 17.70
N LEU A 232 5.80 0.59 18.76
CA LEU A 232 6.28 1.06 20.06
C LEU A 232 7.76 1.40 20.11
N SER A 233 8.50 1.03 19.06
CA SER A 233 9.92 1.33 19.01
C SER A 233 10.15 2.75 18.46
N LEU A 234 9.08 3.37 17.96
CA LEU A 234 9.18 4.73 17.41
C LEU A 234 8.35 5.76 18.19
N VAL A 235 7.25 5.32 18.80
CA VAL A 235 6.39 6.23 19.55
C VAL A 235 5.65 5.56 20.70
N THR A 236 4.97 6.40 21.48
CA THR A 236 4.13 5.98 22.59
C THR A 236 2.93 6.90 22.43
N ASP A 237 1.83 6.62 23.11
CA ASP A 237 0.65 7.46 22.98
C ASP A 237 0.97 8.94 23.10
N GLU A 238 1.89 9.27 23.99
CA GLU A 238 2.26 10.67 24.24
C GLU A 238 3.09 11.36 23.16
N THR A 239 3.57 10.62 22.18
CA THR A 239 4.38 11.23 21.14
C THR A 239 3.88 10.99 19.71
N VAL A 240 2.60 10.65 19.57
CA VAL A 240 2.02 10.41 18.26
C VAL A 240 0.60 10.98 18.17
N ASP A 241 0.28 11.63 17.06
CA ASP A 241 -1.05 12.21 16.87
C ASP A 241 -1.97 11.33 16.05
N TYR A 242 -1.42 10.71 15.00
CA TYR A 242 -2.19 9.81 14.13
C TYR A 242 -1.35 8.68 13.58
N LEU A 243 -1.98 7.52 13.38
CA LEU A 243 -1.28 6.36 12.81
C LEU A 243 -2.07 5.78 11.63
N LEU A 244 -1.41 5.66 10.48
CA LEU A 244 -2.06 5.10 9.31
C LEU A 244 -1.47 3.73 9.00
N LEU A 245 -2.13 2.69 9.49
CA LEU A 245 -1.70 1.32 9.28
C LEU A 245 -2.31 0.72 8.01
N HIS A 246 -1.71 -0.37 7.54
CA HIS A 246 -2.22 -1.06 6.36
C HIS A 246 -3.64 -1.52 6.68
N GLN A 247 -4.57 -1.25 5.76
CA GLN A 247 -5.98 -1.60 5.96
C GLN A 247 -6.28 -3.05 5.58
N ALA A 248 -5.85 -3.98 6.43
CA ALA A 248 -6.06 -5.41 6.22
C ALA A 248 -7.32 -5.89 6.91
N ASN A 249 -7.51 -5.40 8.13
CA ASN A 249 -8.65 -5.78 8.94
C ASN A 249 -8.70 -4.79 10.10
N VAL A 250 -9.85 -4.18 10.31
CA VAL A 250 -10.00 -3.20 11.37
C VAL A 250 -9.75 -3.75 12.78
N ARG A 251 -10.12 -5.01 13.00
CA ARG A 251 -9.93 -5.64 14.30
C ARG A 251 -8.45 -5.74 14.67
N ILE A 252 -7.58 -5.76 13.67
CA ILE A 252 -6.16 -5.80 13.93
C ILE A 252 -5.82 -4.48 14.61
N ILE A 253 -6.39 -3.40 14.06
CA ILE A 253 -6.18 -2.07 14.60
C ILE A 253 -6.80 -1.96 15.99
N ASP A 254 -7.99 -2.52 16.16
CA ASP A 254 -8.66 -2.49 17.46
C ASP A 254 -7.74 -3.08 18.53
N LYS A 255 -7.17 -4.24 18.24
CA LYS A 255 -6.28 -4.92 19.17
C LYS A 255 -4.91 -4.28 19.32
N ILE A 256 -4.35 -3.75 18.23
CA ILE A 256 -3.04 -3.10 18.29
C ILE A 256 -3.09 -1.84 19.16
N ALA A 257 -4.20 -1.11 19.10
CA ALA A 257 -4.36 0.10 19.88
C ALA A 257 -4.34 -0.26 21.37
N ARG A 258 -4.94 -1.40 21.72
CA ARG A 258 -4.95 -1.82 23.13
C ARG A 258 -3.58 -2.31 23.57
N LYS A 259 -2.95 -3.10 22.70
CA LYS A 259 -1.62 -3.66 22.97
C LYS A 259 -0.60 -2.56 23.21
N THR A 260 -0.59 -1.57 22.33
CA THR A 260 0.35 -0.43 22.37
C THR A 260 -0.09 0.69 23.30
N LYS A 261 -1.33 0.62 23.79
CA LYS A 261 -1.89 1.64 24.68
C LYS A 261 -1.92 3.05 24.06
N ILE A 262 -2.12 3.10 22.75
CA ILE A 262 -2.23 4.37 22.02
C ILE A 262 -3.70 4.59 21.73
N SER A 263 -4.17 5.82 21.97
CA SER A 263 -5.57 6.18 21.76
C SER A 263 -6.15 5.67 20.45
N ARG A 264 -7.18 4.84 20.55
CA ARG A 264 -7.83 4.24 19.38
C ARG A 264 -8.28 5.20 18.27
N GLU A 265 -8.74 6.40 18.63
CA GLU A 265 -9.19 7.37 17.64
C GLU A 265 -8.03 7.90 16.80
N LYS A 266 -6.80 7.57 17.20
CA LYS A 266 -5.62 8.02 16.49
C LYS A 266 -5.33 7.16 15.26
N PHE A 267 -5.84 5.94 15.26
CA PHE A 267 -5.64 5.03 14.14
C PHE A 267 -6.74 5.29 13.12
N LEU A 268 -6.38 5.83 11.97
CA LEU A 268 -7.36 6.10 10.92
C LEU A 268 -7.68 4.82 10.14
N THR A 269 -8.91 4.70 9.65
CA THR A 269 -9.33 3.51 8.91
C THR A 269 -10.31 3.90 7.78
N ASN A 270 -10.36 3.12 6.69
CA ASN A 270 -11.26 3.46 5.60
C ASN A 270 -11.56 2.30 4.66
N MET A 271 -11.68 1.10 5.23
CA MET A 271 -11.96 -0.09 4.45
C MET A 271 -13.37 -0.17 3.86
N ASP A 272 -14.32 0.49 4.48
CA ASP A 272 -15.71 0.43 4.01
C ASP A 272 -15.96 0.53 2.51
N LYS A 273 -15.35 1.51 1.86
CA LYS A 273 -15.57 1.70 0.43
C LYS A 273 -14.45 1.17 -0.46
N TYR A 274 -13.35 0.71 0.13
CA TYR A 274 -12.22 0.24 -0.68
C TYR A 274 -11.85 -1.21 -0.48
N GLY A 275 -12.06 -1.71 0.73
CA GLY A 275 -11.67 -3.07 1.02
C GLY A 275 -10.17 -3.04 1.23
N ASN A 276 -9.52 -4.19 1.18
CA ASN A 276 -8.07 -4.26 1.35
C ASN A 276 -7.42 -3.98 0.00
N THR A 277 -6.77 -2.83 -0.15
CA THR A 277 -6.13 -2.47 -1.41
C THR A 277 -4.61 -2.68 -1.38
N SER A 278 -4.17 -3.55 -0.48
N SER A 278 -4.16 -3.57 -0.50
CA SER A 278 -2.77 -3.90 -0.32
CA SER A 278 -2.75 -3.91 -0.35
C SER A 278 -1.82 -2.71 -0.23
C SER A 278 -1.82 -2.71 -0.23
N ALA A 279 -0.79 -2.67 -1.06
CA ALA A 279 0.18 -1.57 -1.06
C ALA A 279 -0.47 -0.18 -1.19
N ALA A 280 -1.62 -0.11 -1.85
CA ALA A 280 -2.32 1.15 -2.04
C ALA A 280 -3.09 1.62 -0.81
N SER A 281 -3.30 0.72 0.15
CA SER A 281 -4.09 1.02 1.35
C SER A 281 -3.65 2.26 2.14
N ILE A 282 -2.36 2.35 2.48
CA ILE A 282 -1.87 3.50 3.23
C ILE A 282 -1.96 4.83 2.45
N PRO A 283 -1.49 4.88 1.19
CA PRO A 283 -1.59 6.15 0.46
C PRO A 283 -3.03 6.58 0.11
N ILE A 284 -3.93 5.61 0.00
CA ILE A 284 -5.34 5.93 -0.27
C ILE A 284 -5.90 6.56 1.01
N LEU A 285 -5.60 5.92 2.14
CA LEU A 285 -6.04 6.40 3.44
C LEU A 285 -5.45 7.78 3.70
N LEU A 286 -4.18 7.94 3.34
CA LEU A 286 -3.47 9.20 3.52
C LEU A 286 -4.10 10.33 2.72
N ASP A 287 -4.38 10.07 1.44
CA ASP A 287 -4.97 11.07 0.58
C ASP A 287 -6.34 11.49 1.08
N GLU A 288 -7.11 10.54 1.58
CA GLU A 288 -8.44 10.85 2.11
C GLU A 288 -8.36 11.70 3.37
N ALA A 289 -7.48 11.32 4.28
CA ALA A 289 -7.31 12.04 5.54
C ALA A 289 -6.79 13.45 5.31
N VAL A 290 -6.03 13.66 4.24
CA VAL A 290 -5.51 14.98 3.91
C VAL A 290 -6.65 15.76 3.24
N GLU A 291 -7.31 15.08 2.32
CA GLU A 291 -8.42 15.66 1.58
C GLU A 291 -9.53 16.21 2.47
N ASN A 292 -9.87 15.49 3.55
CA ASN A 292 -10.93 15.98 4.41
C ASN A 292 -10.45 16.77 5.62
N GLY A 293 -9.16 17.07 5.69
CA GLY A 293 -8.68 17.88 6.80
C GLY A 293 -8.35 17.22 8.13
N THR A 294 -8.37 15.89 8.19
CA THR A 294 -8.01 15.19 9.42
C THR A 294 -6.51 15.40 9.58
N LEU A 295 -5.76 15.07 8.53
CA LEU A 295 -4.31 15.27 8.51
C LEU A 295 -4.06 16.58 7.77
N ILE A 296 -3.09 17.34 8.22
CA ILE A 296 -2.78 18.63 7.61
C ILE A 296 -1.29 18.73 7.25
N LEU A 297 -1.01 18.83 5.96
CA LEU A 297 0.38 18.95 5.50
C LEU A 297 0.97 20.28 5.98
N GLY A 298 2.17 20.23 6.56
CA GLY A 298 2.82 21.42 7.05
C GLY A 298 2.41 21.81 8.46
N SER A 299 1.55 21.00 9.07
CA SER A 299 1.07 21.26 10.42
C SER A 299 1.97 20.69 11.52
N GLN A 300 2.92 19.84 11.14
CA GLN A 300 3.84 19.21 12.08
C GLN A 300 3.21 18.13 12.95
N GLN A 301 2.09 17.57 12.50
CA GLN A 301 1.42 16.48 13.21
C GLN A 301 2.38 15.30 13.18
N ARG A 302 2.59 14.64 14.32
CA ARG A 302 3.47 13.49 14.34
C ARG A 302 2.65 12.30 13.85
N VAL A 303 2.99 11.84 12.65
CA VAL A 303 2.27 10.74 12.00
C VAL A 303 3.15 9.51 11.76
N VAL A 304 2.57 8.34 12.01
CA VAL A 304 3.27 7.08 11.80
C VAL A 304 2.57 6.29 10.68
N LEU A 305 3.35 5.82 9.72
CA LEU A 305 2.79 5.03 8.62
C LEU A 305 3.29 3.62 8.89
N THR A 306 2.36 2.67 9.01
CA THR A 306 2.72 1.29 9.32
C THR A 306 2.16 0.22 8.39
N GLY A 307 3.04 -0.36 7.59
CA GLY A 307 2.61 -1.40 6.68
C GLY A 307 3.09 -2.75 7.19
N PHE A 308 2.43 -3.81 6.73
CA PHE A 308 2.79 -5.17 7.12
C PHE A 308 2.15 -6.10 6.10
N GLY A 309 2.86 -7.16 5.74
CA GLY A 309 2.30 -8.07 4.75
C GLY A 309 3.15 -9.28 4.43
N GLY A 310 3.00 -9.79 3.21
CA GLY A 310 3.74 -10.94 2.77
C GLY A 310 5.24 -10.74 2.82
N GLY A 311 5.96 -11.82 3.12
CA GLY A 311 7.41 -11.74 3.21
C GLY A 311 7.94 -12.78 4.17
N LEU A 312 7.62 -12.66 5.46
CA LEU A 312 6.79 -11.60 6.00
C LEU A 312 7.53 -10.26 6.06
N THR A 313 6.79 -9.16 5.89
CA THR A 313 7.39 -7.83 5.96
C THR A 313 6.55 -6.91 6.84
N TRP A 314 7.18 -5.87 7.35
CA TRP A 314 6.49 -4.87 8.17
C TRP A 314 7.46 -3.75 8.50
N GLY A 315 6.94 -2.56 8.71
CA GLY A 315 7.80 -1.44 9.02
C GLY A 315 7.00 -0.17 9.22
N SER A 316 7.57 0.75 9.98
CA SER A 316 6.90 2.01 10.27
C SER A 316 7.81 3.21 10.02
N LEU A 317 7.18 4.33 9.72
CA LEU A 317 7.87 5.58 9.49
C LEU A 317 7.23 6.60 10.41
N LEU A 318 8.06 7.37 11.11
CA LEU A 318 7.56 8.41 11.99
C LEU A 318 7.87 9.73 11.32
N LEU A 319 6.85 10.52 11.00
CA LEU A 319 7.11 11.81 10.39
C LEU A 319 6.30 12.94 10.97
N THR A 320 6.71 14.16 10.65
CA THR A 320 5.99 15.35 11.06
C THR A 320 5.47 15.93 9.74
N LEU A 321 4.16 15.83 9.51
CA LEU A 321 3.55 16.31 8.28
C LEU A 321 3.80 17.77 7.96
#